data_6YEN
#
_entry.id   6YEN
#
_cell.length_a   137.229
_cell.length_b   137.229
_cell.length_c   137.229
_cell.angle_alpha   90.000
_cell.angle_beta   90.000
_cell.angle_gamma   90.000
#
_symmetry.space_group_name_H-M   'P 43 3 2'
#
loop_
_entity.id
_entity.type
_entity.pdbx_description
1 polymer Beta-lactamase
2 non-polymer '(3~{R})-3-[2-[4-(2-azanylethylamino)cyclohexyl]ethanoylamino]-2-oxidanyl-3,4-dihydro-1,2-benzoxaborinine-8-carboxylic acid'
3 non-polymer '2-(N-MORPHOLINO)-ETHANESULFONIC ACID'
4 non-polymer DI(HYDROXYETHYL)ETHER
5 non-polymer 1,2-ETHANEDIOL
6 non-polymer (10aR)-2-(((1r,4R)-4-((2-aminoethyl)amino)cyclohexyl)methyl)-6-carboxy-4-hydroxy-4,10a-dihydro-10H-benzo[5,6][1,2]oxaborinino[2,3-b][1,4,2]oxazaborol-4-uide
7 non-polymer 'ZINC ION'
8 non-polymer 'CHLORIDE ION'
9 non-polymer 'SODIUM ION'
10 water water
#
_entity_poly.entity_id   1
_entity_poly.type   'polypeptide(L)'
_entity_poly.pdbx_seq_one_letter_code
;APQQINDIVHRTITPLIEQQKIPGMAVAVIYQGKPYYFTWGYADIAKKQPVTQQTLFELGSVSKTFTGVLGGDAIARGEI
KLSDPTTKYWPELTAKQWNGITLLHLATYTAGGLPLQVPDEVKSSSDLLRFYQNWQPAWAPGTQRLYANSSIGLFGALAV
KPSGLSFEQAMQTRVFQPLKLNHTWINVPPAEEKNYAWGYREGKAVHVSPGALDAEAYGVKSTIEDMARWVQSNLKPLDI
NEKTLQQGIQLAQSRYWQTGDMYQGLGWEMLDWPVNPDSIINGSDNKIALAARPVKAITPPTPAVRASWVHKTGATGGFG
SYVAFIPEKELGIVMLANKNYPNPARVDAAWQILNALQ
;
_entity_poly.pdbx_strand_id   A
#
loop_
_chem_comp.id
_chem_comp.type
_chem_comp.name
_chem_comp.formula
CL non-polymer 'CHLORIDE ION' 'Cl -1'
EDO non-polymer 1,2-ETHANEDIOL 'C2 H6 O2'
K9K non-polymer (10aR)-2-(((1r,4R)-4-((2-aminoethyl)amino)cyclohexyl)methyl)-6-carboxy-4-hydroxy-4,10a-dihydro-10H-benzo[5,6][1,2]oxaborinino[2,3-b][1,4,2]oxazaborol-4-uide 'C19 H27 B N3 O5 -1'
KJK non-polymer '(3~{R})-3-[2-[4-(2-azanylethylamino)cyclohexyl]ethanoylamino]-2-oxidanyl-3,4-dihydro-1,2-benzoxaborinine-8-carboxylic acid' 'C19 H28 B N3 O5'
MES non-polymer '2-(N-MORPHOLINO)-ETHANESULFONIC ACID' 'C6 H13 N O4 S'
NA non-polymer 'SODIUM ION' 'Na 1'
PEG non-polymer DI(HYDROXYETHYL)ETHER 'C4 H10 O3'
ZN non-polymer 'ZINC ION' 'Zn 2'
#
# COMPACT_ATOMS: atom_id res chain seq x y z
N ALA A 1 1.10 -27.33 3.44
CA ALA A 1 -0.14 -26.63 3.76
C ALA A 1 -1.33 -27.58 3.89
N PRO A 2 -2.34 -27.18 4.67
CA PRO A 2 -3.60 -27.95 4.70
C PRO A 2 -4.18 -28.13 3.30
N GLN A 3 -4.78 -29.30 3.08
CA GLN A 3 -5.32 -29.61 1.76
C GLN A 3 -6.35 -28.58 1.32
N GLN A 4 -7.18 -28.09 2.24
CA GLN A 4 -8.19 -27.12 1.85
C GLN A 4 -7.56 -25.86 1.29
N ILE A 5 -6.40 -25.45 1.81
CA ILE A 5 -5.72 -24.29 1.27
C ILE A 5 -5.13 -24.59 -0.09
N ASN A 6 -4.41 -25.71 -0.21
CA ASN A 6 -3.83 -26.07 -1.49
C ASN A 6 -4.91 -26.13 -2.57
N ASP A 7 -6.06 -26.72 -2.23
N ASP A 7 -6.08 -26.67 -2.24
CA ASP A 7 -7.15 -26.89 -3.20
CA ASP A 7 -7.09 -26.87 -3.27
C ASP A 7 -7.68 -25.55 -3.68
C ASP A 7 -7.73 -25.56 -3.70
N ILE A 8 -8.08 -24.68 -2.75
CA ILE A 8 -8.68 -23.41 -3.14
C ILE A 8 -7.66 -22.54 -3.87
N VAL A 9 -6.39 -22.59 -3.45
CA VAL A 9 -5.39 -21.79 -4.13
C VAL A 9 -5.20 -22.27 -5.57
N HIS A 10 -5.09 -23.59 -5.77
CA HIS A 10 -4.94 -24.06 -7.14
C HIS A 10 -6.13 -23.63 -7.99
N ARG A 11 -7.34 -23.87 -7.48
CA ARG A 11 -8.55 -23.66 -8.28
C ARG A 11 -8.84 -22.20 -8.52
N THR A 12 -8.25 -21.30 -7.73
CA THR A 12 -8.47 -19.87 -7.88
C THR A 12 -7.32 -19.20 -8.64
N ILE A 13 -6.09 -19.45 -8.22
CA ILE A 13 -4.96 -18.72 -8.78
C ILE A 13 -4.50 -19.29 -10.11
N THR A 14 -4.43 -20.62 -10.28
CA THR A 14 -3.97 -21.11 -11.57
C THR A 14 -4.88 -20.62 -12.68
N PRO A 15 -6.21 -20.66 -12.54
CA PRO A 15 -7.04 -20.09 -13.60
C PRO A 15 -6.87 -18.58 -13.77
N LEU A 16 -6.67 -17.84 -12.68
CA LEU A 16 -6.39 -16.42 -12.80
C LEU A 16 -5.15 -16.18 -13.66
N ILE A 17 -4.09 -16.94 -13.40
CA ILE A 17 -2.87 -16.82 -14.17
C ILE A 17 -3.12 -17.15 -15.64
N GLU A 18 -3.92 -18.21 -15.88
CA GLU A 18 -4.33 -18.56 -17.23
C GLU A 18 -5.15 -17.44 -17.88
N GLN A 19 -6.11 -16.89 -17.14
CA GLN A 19 -7.02 -15.90 -17.71
C GLN A 19 -6.28 -14.59 -18.03
N GLN A 20 -5.34 -14.21 -17.19
CA GLN A 20 -4.70 -12.90 -17.25
C GLN A 20 -3.29 -12.91 -17.86
N LYS A 21 -2.77 -14.07 -18.22
CA LYS A 21 -1.46 -14.15 -18.89
C LYS A 21 -0.33 -13.62 -18.02
N ILE A 22 -0.36 -13.97 -16.74
CA ILE A 22 0.63 -13.51 -15.77
C ILE A 22 1.89 -14.37 -15.88
N PRO A 23 3.06 -13.78 -16.14
CA PRO A 23 4.26 -14.62 -16.30
C PRO A 23 4.73 -15.29 -15.03
N GLY A 24 4.63 -14.60 -13.88
CA GLY A 24 5.14 -15.08 -12.62
C GLY A 24 4.30 -14.52 -11.49
N MET A 25 4.09 -15.34 -10.46
N MET A 25 4.05 -15.35 -10.47
CA MET A 25 3.23 -14.93 -9.38
CA MET A 25 3.16 -14.99 -9.38
C MET A 25 3.64 -15.63 -8.09
C MET A 25 3.67 -15.62 -8.10
N ALA A 26 3.57 -14.88 -6.99
CA ALA A 26 3.77 -15.42 -5.66
C ALA A 26 2.57 -15.06 -4.82
N VAL A 27 2.08 -16.03 -4.03
CA VAL A 27 0.95 -15.85 -3.15
C VAL A 27 1.31 -16.36 -1.76
N ALA A 28 0.94 -15.60 -0.75
CA ALA A 28 0.97 -16.06 0.63
C ALA A 28 -0.45 -16.04 1.15
N VAL A 29 -0.92 -17.17 1.66
CA VAL A 29 -2.17 -17.23 2.39
C VAL A 29 -1.85 -17.34 3.86
N ILE A 30 -2.31 -16.38 4.64
CA ILE A 30 -2.16 -16.41 6.08
C ILE A 30 -3.43 -17.01 6.64
N TYR A 31 -3.30 -18.16 7.29
CA TYR A 31 -4.44 -18.91 7.81
C TYR A 31 -4.12 -19.23 9.25
N GLN A 32 -5.03 -18.88 10.15
CA GLN A 32 -4.78 -18.96 11.59
C GLN A 32 -3.42 -18.36 11.92
N GLY A 33 -3.12 -17.22 11.29
CA GLY A 33 -1.93 -16.45 11.58
C GLY A 33 -0.66 -16.91 10.93
N LYS A 34 -0.67 -18.04 10.20
CA LYS A 34 0.53 -18.66 9.66
C LYS A 34 0.55 -18.55 8.15
N PRO A 35 1.66 -18.14 7.54
N PRO A 35 1.66 -18.14 7.54
CA PRO A 35 1.69 -18.04 6.08
CA PRO A 35 1.69 -18.04 6.08
C PRO A 35 1.99 -19.37 5.41
C PRO A 35 1.99 -19.37 5.41
N TYR A 36 1.31 -19.59 4.29
CA TYR A 36 1.54 -20.70 3.39
C TYR A 36 1.83 -20.10 2.03
N TYR A 37 2.93 -20.53 1.43
CA TYR A 37 3.47 -19.89 0.24
C TYR A 37 3.26 -20.73 -1.02
N PHE A 38 3.00 -20.02 -2.10
CA PHE A 38 2.76 -20.61 -3.41
C PHE A 38 3.46 -19.75 -4.45
N THR A 39 4.09 -20.37 -5.43
CA THR A 39 4.68 -19.64 -6.52
C THR A 39 4.35 -20.32 -7.84
N TRP A 40 4.35 -19.51 -8.91
CA TRP A 40 4.15 -19.98 -10.26
C TRP A 40 5.02 -19.19 -11.23
N GLY A 41 5.50 -19.87 -12.27
CA GLY A 41 6.04 -19.16 -13.42
C GLY A 41 7.39 -18.54 -13.20
N TYR A 42 7.64 -17.48 -13.95
CA TYR A 42 8.98 -16.93 -14.14
C TYR A 42 9.09 -15.51 -13.64
N ALA A 43 10.20 -15.26 -12.92
CA ALA A 43 10.57 -13.91 -12.57
C ALA A 43 11.24 -13.21 -13.74
N ASP A 44 11.94 -13.96 -14.57
CA ASP A 44 12.61 -13.46 -15.77
C ASP A 44 12.34 -14.50 -16.85
N ILE A 45 11.48 -14.16 -17.81
CA ILE A 45 11.08 -15.12 -18.84
C ILE A 45 12.28 -15.59 -19.66
N ALA A 46 13.03 -14.63 -20.21
CA ALA A 46 14.07 -15.01 -21.16
C ALA A 46 15.19 -15.81 -20.49
N LYS A 47 15.49 -15.52 -19.24
N LYS A 47 15.49 -15.51 -19.23
CA LYS A 47 16.49 -16.27 -18.49
CA LYS A 47 16.49 -16.28 -18.50
C LYS A 47 15.92 -17.53 -17.84
C LYS A 47 15.94 -17.59 -17.95
N LYS A 48 14.61 -17.77 -18.01
CA LYS A 48 13.96 -18.94 -17.41
C LYS A 48 14.24 -19.05 -15.92
N GLN A 49 14.24 -17.91 -15.23
CA GLN A 49 14.43 -17.89 -13.79
C GLN A 49 13.07 -17.97 -13.10
N PRO A 50 12.84 -18.98 -12.28
CA PRO A 50 11.52 -19.11 -11.63
C PRO A 50 11.27 -18.08 -10.55
N VAL A 51 10.00 -17.79 -10.34
CA VAL A 51 9.59 -17.11 -9.12
C VAL A 51 9.87 -18.03 -7.94
N THR A 52 10.54 -17.49 -6.91
CA THR A 52 10.79 -18.20 -5.68
C THR A 52 10.32 -17.33 -4.51
N GLN A 53 10.47 -17.85 -3.30
CA GLN A 53 10.10 -17.09 -2.11
C GLN A 53 11.05 -15.92 -1.86
N GLN A 54 12.15 -15.84 -2.58
CA GLN A 54 13.12 -14.75 -2.51
C GLN A 54 13.00 -13.76 -3.66
N THR A 55 12.06 -13.96 -4.57
CA THR A 55 11.91 -13.05 -5.69
C THR A 55 11.36 -11.71 -5.20
N LEU A 56 12.00 -10.63 -5.64
CA LEU A 56 11.51 -9.29 -5.34
C LEU A 56 10.51 -8.87 -6.41
N PHE A 57 9.36 -8.35 -5.97
CA PHE A 57 8.35 -7.77 -6.83
C PHE A 57 8.20 -6.29 -6.48
N GLU A 58 7.87 -5.49 -7.49
CA GLU A 58 7.47 -4.11 -7.23
C GLU A 58 6.08 -4.08 -6.61
N LEU A 59 5.96 -3.45 -5.46
CA LEU A 59 4.69 -3.36 -4.76
C LEU A 59 3.79 -2.25 -5.26
N GLY A 60 4.32 -1.30 -6.02
CA GLY A 60 3.53 -0.15 -6.43
C GLY A 60 2.92 0.49 -5.18
N SER A 61 1.64 0.86 -5.28
CA SER A 61 1.02 1.64 -4.24
C SER A 61 0.78 0.86 -2.91
N VAL A 62 1.02 -0.44 -2.89
CA VAL A 62 1.06 -1.14 -1.59
C VAL A 62 2.17 -0.49 -0.71
N SER A 63 3.14 0.18 -1.35
CA SER A 63 4.10 0.99 -0.61
C SER A 63 3.43 2.01 0.30
N LYS A 64 2.27 2.52 -0.10
CA LYS A 64 1.59 3.52 0.72
C LYS A 64 1.21 2.98 2.08
N THR A 65 1.07 1.66 2.23
CA THR A 65 0.78 1.11 3.56
C THR A 65 2.00 1.25 4.48
N PHE A 66 3.20 1.09 3.92
CA PHE A 66 4.41 1.36 4.68
C PHE A 66 4.50 2.83 5.07
N THR A 67 4.22 3.73 4.11
CA THR A 67 4.23 5.15 4.40
C THR A 67 3.23 5.51 5.47
N GLY A 68 2.04 4.92 5.41
CA GLY A 68 1.04 5.22 6.41
C GLY A 68 1.45 4.76 7.80
N VAL A 69 2.03 3.56 7.90
CA VAL A 69 2.49 3.05 9.17
C VAL A 69 3.66 3.85 9.70
N LEU A 70 4.59 4.25 8.81
CA LEU A 70 5.69 5.10 9.27
C LEU A 70 5.15 6.43 9.78
N GLY A 71 4.13 6.97 9.13
CA GLY A 71 3.52 8.19 9.64
C GLY A 71 2.83 7.96 10.97
N GLY A 72 2.13 6.83 11.12
CA GLY A 72 1.55 6.49 12.40
C GLY A 72 2.59 6.35 13.50
N ASP A 73 3.73 5.73 13.18
CA ASP A 73 4.81 5.64 14.15
C ASP A 73 5.30 7.02 14.55
N ALA A 74 5.39 7.96 13.61
CA ALA A 74 5.78 9.32 13.96
C ALA A 74 4.75 10.00 14.85
N ILE A 75 3.46 9.74 14.61
CA ILE A 75 2.43 10.24 15.52
C ILE A 75 2.64 9.69 16.92
N ALA A 76 2.87 8.38 17.01
CA ALA A 76 3.03 7.74 18.31
C ALA A 76 4.28 8.22 19.03
N ARG A 77 5.29 8.67 18.29
CA ARG A 77 6.47 9.28 18.88
C ARG A 77 6.25 10.74 19.30
N GLY A 78 5.11 11.33 18.96
CA GLY A 78 4.90 12.74 19.19
C GLY A 78 5.61 13.67 18.23
N GLU A 79 6.16 13.13 17.14
CA GLU A 79 6.92 13.97 16.22
C GLU A 79 6.01 14.81 15.35
N ILE A 80 4.82 14.31 15.01
CA ILE A 80 3.85 15.03 14.21
C ILE A 80 2.47 14.82 14.83
N LYS A 81 1.55 15.72 14.48
CA LYS A 81 0.12 15.52 14.70
C LYS A 81 -0.57 15.69 13.36
N LEU A 82 -1.62 14.90 13.12
CA LEU A 82 -2.30 15.01 11.83
C LEU A 82 -3.01 16.35 11.66
N SER A 83 -3.35 17.04 12.74
CA SER A 83 -3.96 18.35 12.64
C SER A 83 -2.96 19.45 12.29
N ASP A 84 -1.66 19.14 12.26
CA ASP A 84 -0.67 20.17 12.03
C ASP A 84 -0.79 20.70 10.60
N PRO A 85 -0.60 21.99 10.39
CA PRO A 85 -0.53 22.52 9.02
C PRO A 85 0.69 22.00 8.26
N THR A 86 0.49 21.80 6.96
CA THR A 86 1.60 21.42 6.09
C THR A 86 2.75 22.43 6.22
N THR A 87 2.41 23.71 6.33
CA THR A 87 3.45 24.73 6.37
C THR A 87 4.30 24.68 7.63
N LYS A 88 3.88 23.94 8.66
CA LYS A 88 4.75 23.76 9.82
C LYS A 88 6.03 23.03 9.45
N TYR A 89 5.93 22.10 8.49
CA TYR A 89 7.04 21.26 8.05
C TYR A 89 7.69 21.76 6.77
N TRP A 90 7.03 22.65 6.04
CA TRP A 90 7.59 23.20 4.81
C TRP A 90 7.23 24.68 4.77
N PRO A 91 7.96 25.49 5.54
CA PRO A 91 7.63 26.93 5.59
C PRO A 91 7.74 27.65 4.27
N GLU A 92 8.55 27.15 3.32
CA GLU A 92 8.68 27.78 2.01
C GLU A 92 7.41 27.66 1.19
N LEU A 93 6.49 26.77 1.58
N LEU A 93 6.49 26.80 1.60
CA LEU A 93 5.19 26.68 0.94
CA LEU A 93 5.20 26.67 0.93
C LEU A 93 4.35 27.85 1.42
C LEU A 93 4.31 27.85 1.39
N THR A 94 4.63 29.02 0.84
CA THR A 94 4.00 30.25 1.28
C THR A 94 2.75 30.59 0.49
N ALA A 95 2.42 29.85 -0.56
CA ALA A 95 1.24 30.18 -1.34
C ALA A 95 0.00 29.97 -0.50
N LYS A 96 -0.98 30.87 -0.67
CA LYS A 96 -2.11 30.96 0.24
C LYS A 96 -3.05 29.77 0.17
N GLN A 97 -3.04 29.02 -0.93
CA GLN A 97 -3.96 27.88 -1.00
C GLN A 97 -3.59 26.80 0.01
N TRP A 98 -2.41 26.89 0.60
CA TRP A 98 -1.98 25.90 1.58
C TRP A 98 -2.49 26.22 2.97
N ASN A 99 -2.99 27.43 3.21
CA ASN A 99 -3.61 27.72 4.50
C ASN A 99 -4.80 26.79 4.68
N GLY A 100 -4.78 26.03 5.77
CA GLY A 100 -5.85 25.10 6.08
C GLY A 100 -5.65 23.68 5.62
N ILE A 101 -4.59 23.38 4.87
CA ILE A 101 -4.30 22.01 4.45
C ILE A 101 -3.38 21.39 5.49
N THR A 102 -3.84 20.33 6.14
CA THR A 102 -3.10 19.69 7.22
C THR A 102 -2.44 18.40 6.76
N LEU A 103 -1.61 17.83 7.64
CA LEU A 103 -1.03 16.53 7.35
C LEU A 103 -2.12 15.48 7.15
N LEU A 104 -3.20 15.55 7.93
CA LEU A 104 -4.32 14.62 7.74
C LEU A 104 -4.79 14.64 6.29
N HIS A 105 -4.99 15.84 5.74
CA HIS A 105 -5.47 15.95 4.37
C HIS A 105 -4.49 15.31 3.39
N LEU A 106 -3.19 15.58 3.57
CA LEU A 106 -2.22 14.96 2.68
C LEU A 106 -2.28 13.44 2.78
N ALA A 107 -2.31 12.92 4.01
CA ALA A 107 -2.21 11.48 4.20
C ALA A 107 -3.41 10.75 3.63
N THR A 108 -4.56 11.41 3.55
CA THR A 108 -5.81 10.75 3.21
C THR A 108 -6.41 11.24 1.89
N TYR A 109 -5.63 11.97 1.08
CA TYR A 109 -6.02 12.37 -0.26
C TYR A 109 -7.16 13.40 -0.26
N THR A 110 -7.28 14.19 0.81
CA THR A 110 -8.40 15.11 0.98
C THR A 110 -7.97 16.58 0.96
N ALA A 111 -6.79 16.88 0.42
CA ALA A 111 -6.32 18.27 0.40
C ALA A 111 -7.11 19.16 -0.56
N GLY A 112 -7.84 18.58 -1.51
CA GLY A 112 -8.65 19.34 -2.45
C GLY A 112 -8.23 19.19 -3.89
N GLY A 113 -7.77 18.01 -4.28
CA GLY A 113 -7.47 17.72 -5.66
C GLY A 113 -6.03 17.74 -6.08
N LEU A 114 -5.10 17.45 -5.16
CA LEU A 114 -3.73 17.20 -5.60
C LEU A 114 -3.73 16.07 -6.62
N PRO A 115 -2.90 16.14 -7.65
CA PRO A 115 -3.04 15.20 -8.76
C PRO A 115 -2.51 13.81 -8.48
N LEU A 116 -3.05 12.86 -9.24
CA LEU A 116 -2.63 11.47 -9.11
C LEU A 116 -1.12 11.33 -9.20
N GLN A 117 -0.49 12.00 -10.17
CA GLN A 117 0.95 11.89 -10.36
C GLN A 117 1.63 13.24 -10.12
N VAL A 118 2.77 13.20 -9.47
CA VAL A 118 3.69 14.34 -9.58
C VAL A 118 4.17 14.41 -11.02
N PRO A 119 4.14 15.57 -11.68
CA PRO A 119 4.55 15.63 -13.08
C PRO A 119 5.97 15.09 -13.27
N ASP A 120 6.18 14.40 -14.39
CA ASP A 120 7.50 13.84 -14.68
C ASP A 120 8.57 14.91 -14.84
N GLU A 121 8.18 16.15 -15.14
CA GLU A 121 9.15 17.24 -15.27
C GLU A 121 9.77 17.65 -13.95
N VAL A 122 9.22 17.21 -12.81
CA VAL A 122 9.75 17.58 -11.50
C VAL A 122 10.96 16.69 -11.23
N LYS A 123 12.16 17.28 -11.32
CA LYS A 123 13.39 16.51 -11.17
C LYS A 123 14.30 17.02 -10.06
N SER A 124 14.01 18.18 -9.48
CA SER A 124 14.87 18.79 -8.47
C SER A 124 14.02 19.27 -7.30
N SER A 125 14.70 19.60 -6.21
CA SER A 125 14.01 20.12 -5.04
C SER A 125 13.26 21.41 -5.37
N SER A 126 13.87 22.28 -6.17
CA SER A 126 13.20 23.54 -6.53
C SER A 126 12.01 23.28 -7.45
N ASP A 127 12.10 22.29 -8.35
CA ASP A 127 10.95 21.92 -9.17
C ASP A 127 9.77 21.50 -8.30
N LEU A 128 10.04 20.73 -7.24
CA LEU A 128 8.95 20.22 -6.42
C LEU A 128 8.27 21.36 -5.68
N LEU A 129 9.05 22.27 -5.11
CA LEU A 129 8.48 23.44 -4.45
C LEU A 129 7.63 24.22 -5.45
N ARG A 130 8.17 24.44 -6.65
N ARG A 130 8.17 24.44 -6.65
CA ARG A 130 7.41 25.19 -7.65
CA ARG A 130 7.41 25.19 -7.65
C ARG A 130 6.09 24.50 -7.96
C ARG A 130 6.09 24.50 -7.96
N PHE A 131 6.11 23.18 -8.07
CA PHE A 131 4.89 22.43 -8.38
C PHE A 131 3.83 22.67 -7.31
N TYR A 132 4.19 22.51 -6.04
CA TYR A 132 3.20 22.67 -4.99
C TYR A 132 2.82 24.14 -4.79
N GLN A 133 3.77 25.07 -5.00
CA GLN A 133 3.46 26.49 -4.85
C GLN A 133 2.46 26.94 -5.89
N ASN A 134 2.44 26.29 -7.05
CA ASN A 134 1.58 26.74 -8.14
C ASN A 134 0.36 25.86 -8.33
N TRP A 135 0.20 24.81 -7.53
CA TRP A 135 -0.97 23.96 -7.66
C TRP A 135 -2.19 24.70 -7.17
N GLN A 136 -3.27 24.63 -7.96
CA GLN A 136 -4.53 25.29 -7.62
C GLN A 136 -5.56 24.25 -7.22
N PRO A 137 -6.10 24.28 -6.00
CA PRO A 137 -7.07 23.25 -5.61
C PRO A 137 -8.39 23.36 -6.36
N ALA A 138 -8.97 22.20 -6.64
CA ALA A 138 -10.30 22.13 -7.20
C ALA A 138 -11.38 22.23 -6.15
N TRP A 139 -11.09 21.87 -4.90
CA TRP A 139 -12.08 21.83 -3.84
C TRP A 139 -11.46 22.30 -2.54
N ALA A 140 -12.32 22.69 -1.61
CA ALA A 140 -11.87 23.04 -0.26
C ALA A 140 -11.32 21.80 0.43
N PRO A 141 -10.39 21.97 1.36
CA PRO A 141 -9.81 20.81 2.03
C PRO A 141 -10.84 20.09 2.88
N GLY A 142 -10.66 18.76 2.98
CA GLY A 142 -11.51 17.97 3.84
C GLY A 142 -12.91 17.73 3.32
N THR A 143 -13.11 17.77 1.99
CA THR A 143 -14.45 17.58 1.43
C THR A 143 -14.50 16.47 0.39
N GLN A 144 -13.43 16.29 -0.39
CA GLN A 144 -13.42 15.34 -1.48
C GLN A 144 -12.14 14.51 -1.39
N ARG A 145 -12.28 13.21 -1.59
CA ARG A 145 -11.13 12.32 -1.67
C ARG A 145 -10.77 12.10 -3.13
N LEU A 146 -9.52 12.38 -3.50
CA LEU A 146 -9.00 12.11 -4.84
C LEU A 146 -7.66 11.39 -4.66
N TYR A 147 -7.66 10.08 -4.88
CA TYR A 147 -6.46 9.27 -4.66
C TYR A 147 -5.29 9.86 -5.42
N ALA A 148 -4.14 10.02 -4.74
CA ALA A 148 -3.06 10.79 -5.35
C ALA A 148 -1.70 10.49 -4.74
N ASN A 149 -0.73 10.21 -5.61
CA ASN A 149 0.64 10.07 -5.16
C ASN A 149 1.20 11.38 -4.63
N SER A 150 0.82 12.52 -5.24
CA SER A 150 1.35 13.81 -4.83
C SER A 150 0.84 14.24 -3.47
N SER A 151 -0.19 13.56 -2.94
CA SER A 151 -0.75 13.87 -1.64
C SER A 151 -0.05 13.04 -0.57
N ILE A 152 -0.22 11.71 -0.62
CA ILE A 152 0.39 10.89 0.41
C ILE A 152 1.91 10.90 0.27
N GLY A 153 2.42 11.12 -0.94
CA GLY A 153 3.86 11.22 -1.11
C GLY A 153 4.44 12.38 -0.33
N LEU A 154 3.77 13.54 -0.38
CA LEU A 154 4.26 14.68 0.39
C LEU A 154 4.08 14.43 1.89
N PHE A 155 2.98 13.80 2.28
CA PHE A 155 2.80 13.43 3.68
C PHE A 155 4.00 12.64 4.19
N GLY A 156 4.41 11.61 3.46
CA GLY A 156 5.54 10.80 3.94
C GLY A 156 6.82 11.61 4.03
N ALA A 157 7.06 12.49 3.05
CA ALA A 157 8.29 13.30 3.07
C ALA A 157 8.29 14.27 4.25
N LEU A 158 7.15 14.84 4.59
CA LEU A 158 7.10 15.78 5.70
C LEU A 158 7.07 15.07 7.05
N ALA A 159 6.44 13.90 7.12
CA ALA A 159 6.30 13.22 8.39
C ALA A 159 7.63 12.82 9.00
N VAL A 160 8.65 12.60 8.16
CA VAL A 160 9.98 12.22 8.65
C VAL A 160 10.86 13.41 9.01
N LYS A 161 10.42 14.64 8.75
CA LYS A 161 11.31 15.77 8.98
C LYS A 161 11.73 15.90 10.44
N PRO A 162 10.83 15.77 11.42
CA PRO A 162 11.27 15.90 12.82
C PRO A 162 12.31 14.87 13.24
N SER A 163 12.36 13.71 12.59
CA SER A 163 13.36 12.72 12.97
C SER A 163 14.75 13.11 12.55
N GLY A 164 14.87 14.01 11.58
CA GLY A 164 16.14 14.31 10.98
C GLY A 164 16.66 13.26 10.02
N LEU A 165 15.89 12.20 9.77
CA LEU A 165 16.29 11.14 8.88
C LEU A 165 15.68 11.38 7.50
N SER A 166 16.38 10.90 6.47
CA SER A 166 15.73 10.78 5.17
C SER A 166 14.55 9.81 5.26
N PHE A 167 13.63 9.93 4.30
CA PHE A 167 12.49 9.00 4.27
C PHE A 167 12.99 7.56 4.23
N GLU A 168 13.99 7.28 3.38
N GLU A 168 13.99 7.28 3.39
CA GLU A 168 14.48 5.91 3.27
CA GLU A 168 14.50 5.93 3.27
C GLU A 168 15.10 5.44 4.59
C GLU A 168 15.11 5.44 4.57
N GLN A 169 15.89 6.29 5.23
CA GLN A 169 16.52 5.87 6.48
C GLN A 169 15.49 5.67 7.57
N ALA A 170 14.49 6.54 7.62
CA ALA A 170 13.42 6.39 8.59
C ALA A 170 12.68 5.07 8.36
N MET A 171 12.34 4.78 7.11
CA MET A 171 11.62 3.54 6.82
C MET A 171 12.45 2.33 7.21
N GLN A 172 13.73 2.35 6.86
N GLN A 172 13.72 2.32 6.84
CA GLN A 172 14.60 1.22 7.19
CA GLN A 172 14.59 1.18 7.15
C GLN A 172 14.74 1.07 8.71
C GLN A 172 14.66 0.96 8.66
N THR A 173 15.03 2.16 9.40
N THR A 173 14.99 2.01 9.41
CA THR A 173 15.31 2.08 10.83
CA THR A 173 15.28 1.85 10.82
C THR A 173 14.06 1.77 11.63
C THR A 173 14.05 1.80 11.71
N ARG A 174 12.92 2.37 11.28
CA ARG A 174 11.74 2.39 12.12
C ARG A 174 10.69 1.36 11.73
N VAL A 175 10.73 0.83 10.51
CA VAL A 175 9.75 -0.14 10.05
C VAL A 175 10.41 -1.44 9.58
N PHE A 176 11.26 -1.38 8.55
CA PHE A 176 11.76 -2.61 7.97
C PHE A 176 12.58 -3.39 8.99
N GLN A 177 13.53 -2.72 9.67
CA GLN A 177 14.44 -3.45 10.55
C GLN A 177 13.74 -4.04 11.76
N PRO A 178 12.88 -3.31 12.48
CA PRO A 178 12.21 -3.92 13.64
C PRO A 178 11.34 -5.10 13.29
N LEU A 179 10.75 -5.08 12.09
CA LEU A 179 9.90 -6.18 11.64
C LEU A 179 10.67 -7.27 10.92
N LYS A 180 12.00 -7.16 10.85
CA LYS A 180 12.83 -8.16 10.22
C LYS A 180 12.44 -8.35 8.76
N LEU A 181 12.09 -7.26 8.09
CA LEU A 181 11.84 -7.27 6.65
C LEU A 181 13.17 -7.01 5.95
N ASN A 182 14.01 -8.03 5.95
CA ASN A 182 15.40 -7.91 5.51
C ASN A 182 15.57 -8.06 4.01
N HIS A 183 14.48 -8.29 3.28
CA HIS A 183 14.47 -8.36 1.83
C HIS A 183 13.40 -7.47 1.26
N THR A 184 13.25 -6.30 1.89
CA THR A 184 12.32 -5.25 1.47
C THR A 184 13.14 -3.98 1.28
N TRP A 185 12.97 -3.33 0.13
CA TRP A 185 13.87 -2.25 -0.26
C TRP A 185 13.14 -1.12 -0.95
N ILE A 186 13.53 0.10 -0.65
CA ILE A 186 13.21 1.23 -1.53
C ILE A 186 14.18 1.26 -2.70
N ASN A 187 15.46 1.02 -2.46
CA ASN A 187 16.48 0.93 -3.51
C ASN A 187 17.11 -0.45 -3.37
N VAL A 188 16.92 -1.28 -4.37
CA VAL A 188 17.45 -2.63 -4.34
C VAL A 188 18.97 -2.57 -4.46
N PRO A 189 19.70 -3.14 -3.50
CA PRO A 189 21.15 -3.07 -3.55
C PRO A 189 21.69 -3.93 -4.66
N PRO A 190 22.89 -3.63 -5.18
CA PRO A 190 23.47 -4.42 -6.28
C PRO A 190 23.46 -5.92 -6.03
N ALA A 191 23.76 -6.35 -4.80
CA ALA A 191 23.87 -7.77 -4.53
C ALA A 191 22.53 -8.47 -4.46
N GLU A 192 21.43 -7.74 -4.42
CA GLU A 192 20.09 -8.32 -4.43
C GLU A 192 19.43 -8.23 -5.80
N GLU A 193 20.08 -7.57 -6.76
CA GLU A 193 19.48 -7.40 -8.08
C GLU A 193 19.16 -8.74 -8.75
N LYS A 194 19.92 -9.79 -8.43
CA LYS A 194 19.66 -11.10 -9.03
C LYS A 194 18.29 -11.66 -8.67
N ASN A 195 17.67 -11.16 -7.60
CA ASN A 195 16.36 -11.63 -7.18
C ASN A 195 15.23 -10.72 -7.66
N TYR A 196 15.55 -9.64 -8.36
CA TYR A 196 14.55 -8.65 -8.75
C TYR A 196 13.89 -9.14 -10.04
N ALA A 197 12.62 -9.54 -9.92
CA ALA A 197 11.85 -9.96 -11.07
C ALA A 197 11.74 -8.83 -12.08
N TRP A 198 11.61 -9.20 -13.35
CA TRP A 198 11.15 -8.26 -14.36
C TRP A 198 9.63 -8.18 -14.37
N GLY A 199 9.11 -6.98 -14.59
CA GLY A 199 7.73 -6.78 -14.89
C GLY A 199 7.52 -6.86 -16.38
N TYR A 200 6.30 -7.20 -16.79
CA TYR A 200 6.00 -7.42 -18.19
C TYR A 200 4.81 -6.57 -18.58
N ARG A 201 5.00 -5.75 -19.61
N ARG A 201 5.00 -5.76 -19.63
CA ARG A 201 3.96 -4.87 -20.14
CA ARG A 201 3.97 -4.87 -20.14
C ARG A 201 4.04 -4.95 -21.65
C ARG A 201 4.04 -4.94 -21.66
N GLU A 202 2.95 -5.39 -22.28
CA GLU A 202 2.90 -5.55 -23.74
C GLU A 202 4.10 -6.35 -24.24
N GLY A 203 4.46 -7.38 -23.48
CA GLY A 203 5.52 -8.29 -23.86
C GLY A 203 6.93 -7.81 -23.58
N LYS A 204 7.08 -6.60 -23.05
CA LYS A 204 8.39 -6.03 -22.79
C LYS A 204 8.70 -6.11 -21.30
N ALA A 205 9.95 -6.42 -20.97
CA ALA A 205 10.43 -6.44 -19.60
C ALA A 205 10.72 -5.03 -19.12
N VAL A 206 10.11 -4.64 -18.00
CA VAL A 206 10.17 -3.28 -17.49
C VAL A 206 10.35 -3.27 -15.99
N HIS A 207 10.97 -2.19 -15.50
CA HIS A 207 11.03 -1.87 -14.09
C HIS A 207 10.52 -0.45 -13.92
N VAL A 208 10.08 -0.15 -12.70
CA VAL A 208 9.55 1.16 -12.40
C VAL A 208 10.63 2.22 -12.61
N SER A 209 10.22 3.38 -13.18
CA SER A 209 11.20 4.43 -13.41
C SER A 209 11.21 5.40 -12.24
N PRO A 210 12.35 6.02 -11.99
CA PRO A 210 12.42 6.96 -10.86
C PRO A 210 11.48 8.14 -11.08
N GLY A 211 10.98 8.67 -9.96
CA GLY A 211 10.20 9.89 -10.01
C GLY A 211 10.14 10.53 -8.63
N ALA A 212 9.78 11.81 -8.62
CA ALA A 212 9.70 12.54 -7.36
C ALA A 212 8.71 11.89 -6.42
N LEU A 213 9.14 11.69 -5.18
CA LEU A 213 8.34 11.08 -4.12
C LEU A 213 7.99 9.63 -4.41
N ASP A 214 8.76 8.97 -5.27
CA ASP A 214 8.47 7.58 -5.58
C ASP A 214 8.60 6.66 -4.35
N ALA A 215 9.62 6.87 -3.52
CA ALA A 215 9.80 6.03 -2.35
C ALA A 215 8.55 6.04 -1.48
N GLU A 216 7.95 7.22 -1.31
CA GLU A 216 6.80 7.38 -0.45
C GLU A 216 5.52 6.81 -1.06
N ALA A 217 5.39 6.86 -2.38
CA ALA A 217 4.12 6.58 -3.01
C ALA A 217 4.05 5.22 -3.69
N TYR A 218 5.14 4.74 -4.27
CA TYR A 218 5.01 3.52 -5.06
C TYR A 218 6.29 2.75 -5.27
N GLY A 219 7.36 3.03 -4.52
CA GLY A 219 8.66 2.50 -4.88
C GLY A 219 9.24 1.35 -4.10
N VAL A 220 8.50 0.71 -3.20
CA VAL A 220 9.04 -0.40 -2.43
C VAL A 220 9.01 -1.68 -3.25
N LYS A 221 10.04 -2.49 -3.11
CA LYS A 221 10.12 -3.85 -3.64
C LYS A 221 10.27 -4.83 -2.49
N SER A 222 9.64 -6.00 -2.61
CA SER A 222 9.68 -6.95 -1.49
C SER A 222 9.43 -8.37 -2.00
N THR A 223 9.70 -9.33 -1.13
CA THR A 223 9.47 -10.73 -1.42
C THR A 223 8.15 -11.18 -0.83
N ILE A 224 7.71 -12.37 -1.24
CA ILE A 224 6.46 -12.90 -0.69
C ILE A 224 6.60 -13.20 0.80
N GLU A 225 7.80 -13.62 1.25
CA GLU A 225 7.98 -13.90 2.66
C GLU A 225 7.93 -12.63 3.48
N ASP A 226 8.59 -11.57 3.01
CA ASP A 226 8.55 -10.33 3.78
C ASP A 226 7.14 -9.75 3.77
N MET A 227 6.42 -9.89 2.66
CA MET A 227 5.07 -9.34 2.62
C MET A 227 4.11 -10.14 3.49
N ALA A 228 4.30 -11.45 3.61
CA ALA A 228 3.51 -12.21 4.56
C ALA A 228 3.78 -11.72 5.97
N ARG A 229 5.03 -11.40 6.30
CA ARG A 229 5.36 -10.89 7.63
C ARG A 229 4.75 -9.51 7.84
N TRP A 230 4.69 -8.69 6.79
CA TRP A 230 3.99 -7.41 6.87
C TRP A 230 2.53 -7.61 7.18
N VAL A 231 1.88 -8.58 6.53
CA VAL A 231 0.48 -8.87 6.84
C VAL A 231 0.34 -9.38 8.26
N GLN A 232 1.21 -10.28 8.69
CA GLN A 232 1.14 -10.76 10.07
C GLN A 232 1.23 -9.62 11.06
N SER A 233 2.11 -8.65 10.79
CA SER A 233 2.34 -7.53 11.68
C SER A 233 1.11 -6.63 11.74
N ASN A 234 0.44 -6.45 10.61
CA ASN A 234 -0.76 -5.62 10.57
C ASN A 234 -1.99 -6.37 11.09
N LEU A 235 -2.00 -7.71 10.99
CA LEU A 235 -3.03 -8.52 11.62
C LEU A 235 -2.95 -8.46 13.14
N LYS A 236 -1.74 -8.51 13.67
CA LYS A 236 -1.50 -8.70 15.11
C LYS A 236 -0.48 -7.67 15.60
N PRO A 237 -0.88 -6.41 15.66
CA PRO A 237 0.08 -5.39 16.08
C PRO A 237 0.61 -5.58 17.49
N LEU A 238 -0.14 -6.24 18.38
CA LEU A 238 0.34 -6.43 19.74
C LEU A 238 1.54 -7.36 19.78
N ASP A 239 1.77 -8.13 18.71
CA ASP A 239 2.97 -8.96 18.61
C ASP A 239 4.22 -8.12 18.44
N ILE A 240 4.09 -6.86 18.04
CA ILE A 240 5.24 -5.99 17.77
C ILE A 240 5.70 -5.36 19.09
N ASN A 241 6.96 -5.62 19.45
CA ASN A 241 7.46 -5.21 20.75
C ASN A 241 7.79 -3.72 20.81
N GLU A 242 8.07 -3.09 19.67
CA GLU A 242 8.34 -1.66 19.60
C GLU A 242 7.02 -0.91 19.69
N LYS A 243 6.82 -0.20 20.80
N LYS A 243 6.81 -0.21 20.81
CA LYS A 243 5.50 0.34 21.11
CA LYS A 243 5.47 0.33 21.07
C LYS A 243 5.06 1.36 20.06
C LYS A 243 5.05 1.36 20.05
N THR A 244 5.97 2.22 19.59
CA THR A 244 5.57 3.24 18.63
C THR A 244 5.13 2.62 17.31
N LEU A 245 5.73 1.49 16.95
CA LEU A 245 5.39 0.82 15.70
C LEU A 245 4.10 0.03 15.85
N GLN A 246 3.94 -0.65 16.99
CA GLN A 246 2.66 -1.27 17.30
C GLN A 246 1.54 -0.24 17.19
N GLN A 247 1.72 0.92 17.81
CA GLN A 247 0.70 1.97 17.73
C GLN A 247 0.59 2.57 16.34
N GLY A 248 1.70 2.71 15.61
CA GLY A 248 1.61 3.23 14.26
C GLY A 248 0.82 2.34 13.33
N ILE A 249 0.97 1.03 13.49
CA ILE A 249 0.16 0.08 12.75
C ILE A 249 -1.31 0.29 13.07
N GLN A 250 -1.62 0.40 14.36
CA GLN A 250 -3.01 0.61 14.77
C GLN A 250 -3.56 1.91 14.21
N LEU A 251 -2.76 2.99 14.26
CA LEU A 251 -3.24 4.27 13.76
C LEU A 251 -3.47 4.25 12.27
N ALA A 252 -2.68 3.48 11.52
CA ALA A 252 -2.88 3.42 10.08
C ALA A 252 -4.16 2.70 9.71
N GLN A 253 -4.69 1.88 10.60
CA GLN A 253 -5.97 1.22 10.42
C GLN A 253 -7.13 1.96 11.11
N SER A 254 -6.89 3.12 11.71
CA SER A 254 -8.01 3.91 12.18
C SER A 254 -8.78 4.44 11.00
N ARG A 255 -10.04 4.78 11.22
CA ARG A 255 -10.94 5.22 10.15
C ARG A 255 -11.09 6.74 10.25
N TYR A 256 -10.56 7.45 9.25
CA TYR A 256 -10.51 8.91 9.25
C TYR A 256 -11.59 9.55 8.42
N TRP A 257 -12.03 8.88 7.36
CA TRP A 257 -13.05 9.36 6.44
C TRP A 257 -13.86 8.16 5.97
N GLN A 258 -15.10 8.41 5.61
CA GLN A 258 -15.97 7.39 5.02
C GLN A 258 -16.53 7.88 3.69
N THR A 259 -16.56 6.98 2.71
CA THR A 259 -17.21 7.23 1.44
C THR A 259 -17.94 5.93 1.13
N GLY A 260 -19.26 5.96 1.09
CA GLY A 260 -19.99 4.72 0.90
C GLY A 260 -19.62 3.74 1.99
N ASP A 261 -19.31 2.50 1.61
CA ASP A 261 -18.92 1.50 2.61
C ASP A 261 -17.42 1.42 2.82
N MET A 262 -16.66 2.37 2.29
N MET A 262 -16.66 2.36 2.26
CA MET A 262 -15.20 2.37 2.40
CA MET A 262 -15.20 2.40 2.38
C MET A 262 -14.70 3.41 3.40
C MET A 262 -14.78 3.38 3.47
N TYR A 263 -13.71 3.03 4.18
CA TYR A 263 -13.09 3.93 5.13
C TYR A 263 -11.63 4.12 4.76
N GLN A 264 -11.15 5.35 4.89
CA GLN A 264 -9.77 5.68 4.58
C GLN A 264 -8.94 5.63 5.86
N GLY A 265 -7.89 4.81 5.87
CA GLY A 265 -6.86 4.83 6.87
C GLY A 265 -5.66 5.63 6.41
N LEU A 266 -4.50 5.34 7.01
CA LEU A 266 -3.23 5.90 6.54
C LEU A 266 -2.63 4.84 5.62
N GLY A 267 -2.81 5.02 4.32
CA GLY A 267 -2.36 4.02 3.35
C GLY A 267 -3.37 2.91 3.19
N TRP A 268 -3.62 2.17 4.27
CA TRP A 268 -4.65 1.16 4.25
C TRP A 268 -6.02 1.76 3.98
N GLU A 269 -6.87 0.96 3.34
CA GLU A 269 -8.29 1.21 3.21
C GLU A 269 -9.04 0.05 3.86
N MET A 270 -10.23 0.33 4.41
CA MET A 270 -10.92 -0.66 5.23
C MET A 270 -12.42 -0.64 4.94
N LEU A 271 -13.04 -1.81 5.09
CA LEU A 271 -14.49 -1.96 5.10
C LEU A 271 -14.88 -2.83 6.30
N ASP A 272 -16.10 -2.66 6.79
CA ASP A 272 -16.59 -3.56 7.83
C ASP A 272 -16.68 -4.98 7.30
N TRP A 273 -16.31 -5.94 8.15
CA TRP A 273 -16.46 -7.35 7.85
C TRP A 273 -17.62 -7.90 8.66
N PRO A 274 -18.50 -8.73 8.07
CA PRO A 274 -18.47 -9.24 6.69
C PRO A 274 -18.73 -8.16 5.64
N VAL A 275 -18.03 -8.29 4.53
CA VAL A 275 -18.06 -7.31 3.45
C VAL A 275 -18.93 -7.85 2.33
N ASN A 276 -19.55 -6.93 1.58
CA ASN A 276 -20.20 -7.28 0.32
C ASN A 276 -19.09 -7.43 -0.72
N PRO A 277 -18.83 -8.64 -1.20
CA PRO A 277 -17.71 -8.79 -2.13
C PRO A 277 -17.80 -7.92 -3.37
N ASP A 278 -19.00 -7.64 -3.86
CA ASP A 278 -19.08 -6.81 -5.05
C ASP A 278 -18.59 -5.40 -4.78
N SER A 279 -18.72 -4.92 -3.55
N SER A 279 -18.77 -4.90 -3.54
CA SER A 279 -18.24 -3.58 -3.26
CA SER A 279 -18.23 -3.60 -3.16
C SER A 279 -16.72 -3.49 -3.29
C SER A 279 -16.73 -3.55 -3.38
N ILE A 280 -16.01 -4.50 -2.79
CA ILE A 280 -14.55 -4.44 -2.83
C ILE A 280 -14.06 -4.73 -4.24
N ILE A 281 -14.69 -5.68 -4.94
CA ILE A 281 -14.27 -6.00 -6.30
C ILE A 281 -14.51 -4.80 -7.21
N ASN A 282 -15.74 -4.33 -7.28
CA ASN A 282 -16.06 -3.24 -8.20
C ASN A 282 -15.37 -1.95 -7.79
N GLY A 283 -15.24 -1.70 -6.49
CA GLY A 283 -14.63 -0.48 -6.04
C GLY A 283 -13.16 -0.39 -6.37
N SER A 284 -12.55 -1.54 -6.68
CA SER A 284 -11.13 -1.58 -7.00
C SER A 284 -10.85 -1.19 -8.44
N ASP A 285 -11.86 -1.16 -9.31
CA ASP A 285 -11.63 -0.75 -10.69
C ASP A 285 -11.14 0.69 -10.70
N ASN A 286 -10.13 0.96 -11.52
CA ASN A 286 -9.53 2.29 -11.50
C ASN A 286 -10.51 3.39 -11.88
N LYS A 287 -11.50 3.09 -12.72
CA LYS A 287 -12.53 4.10 -13.03
C LYS A 287 -13.17 4.66 -11.77
N ILE A 288 -13.31 3.83 -10.74
CA ILE A 288 -13.85 4.26 -9.45
C ILE A 288 -12.76 4.70 -8.49
N ALA A 289 -11.75 3.85 -8.31
CA ALA A 289 -10.74 4.08 -7.29
C ALA A 289 -10.01 5.39 -7.52
N LEU A 290 -9.97 5.86 -8.76
CA LEU A 290 -9.26 7.09 -9.07
C LEU A 290 -10.17 8.31 -9.17
N ALA A 291 -11.49 8.11 -9.00
CA ALA A 291 -12.45 9.21 -9.13
C ALA A 291 -12.54 9.99 -7.83
N ALA A 292 -12.91 11.25 -7.96
CA ALA A 292 -13.15 12.09 -6.81
C ALA A 292 -14.51 11.77 -6.22
N ARG A 293 -14.56 11.62 -4.90
N ARG A 293 -14.56 11.58 -4.91
CA ARG A 293 -15.75 11.24 -4.16
CA ARG A 293 -15.84 11.36 -4.27
C ARG A 293 -15.85 12.09 -2.91
C ARG A 293 -15.87 12.06 -2.92
N PRO A 294 -17.05 12.53 -2.52
CA PRO A 294 -17.18 13.24 -1.25
C PRO A 294 -16.94 12.31 -0.08
N VAL A 295 -16.34 12.87 0.95
CA VAL A 295 -16.04 12.13 2.17
C VAL A 295 -16.74 12.79 3.35
N LYS A 296 -17.11 11.95 4.32
N LYS A 296 -17.12 11.94 4.30
CA LYS A 296 -17.59 12.39 5.61
CA LYS A 296 -17.59 12.37 5.62
C LYS A 296 -16.50 12.15 6.64
C LYS A 296 -16.46 12.15 6.62
N ALA A 297 -16.16 13.20 7.39
CA ALA A 297 -15.13 13.09 8.40
C ALA A 297 -15.62 12.21 9.56
N ILE A 298 -14.67 11.47 10.13
CA ILE A 298 -14.90 10.69 11.35
C ILE A 298 -14.01 11.32 12.41
N THR A 299 -14.63 12.00 13.37
CA THR A 299 -13.90 12.74 14.39
C THR A 299 -14.51 12.40 15.74
N PRO A 300 -13.75 11.77 16.66
CA PRO A 300 -12.38 11.29 16.47
C PRO A 300 -12.36 10.13 15.51
N PRO A 301 -11.21 9.86 14.88
CA PRO A 301 -11.13 8.69 14.00
C PRO A 301 -11.47 7.43 14.79
N THR A 302 -12.15 6.51 14.13
CA THR A 302 -12.51 5.26 14.78
C THR A 302 -11.24 4.46 15.02
N PRO A 303 -10.93 4.07 16.24
CA PRO A 303 -9.77 3.18 16.42
C PRO A 303 -9.93 1.88 15.66
N ALA A 304 -8.81 1.32 15.21
CA ALA A 304 -8.81 0.14 14.34
C ALA A 304 -9.83 -0.90 14.78
N VAL A 305 -10.67 -1.31 13.84
CA VAL A 305 -11.75 -2.26 14.09
C VAL A 305 -11.29 -3.63 13.64
N ARG A 306 -11.27 -4.61 14.55
N ARG A 306 -11.26 -4.60 14.57
CA ARG A 306 -10.74 -5.92 14.15
CA ARG A 306 -10.78 -5.93 14.21
C ARG A 306 -11.65 -6.66 13.18
C ARG A 306 -11.64 -6.57 13.13
N ALA A 307 -12.96 -6.40 13.21
CA ALA A 307 -13.88 -6.93 12.20
C ALA A 307 -13.91 -6.00 10.98
N SER A 308 -12.78 -6.01 10.25
CA SER A 308 -12.63 -5.23 9.03
C SER A 308 -11.98 -6.10 7.98
N TRP A 309 -12.30 -5.80 6.73
CA TRP A 309 -11.48 -6.18 5.59
C TRP A 309 -10.56 -4.99 5.30
N VAL A 310 -9.26 -5.22 5.43
CA VAL A 310 -8.26 -4.17 5.32
C VAL A 310 -7.44 -4.54 4.09
N HIS A 311 -7.24 -3.59 3.19
CA HIS A 311 -6.61 -3.97 1.93
C HIS A 311 -5.96 -2.80 1.22
N LYS A 312 -5.18 -3.14 0.19
CA LYS A 312 -4.58 -2.16 -0.70
C LYS A 312 -4.16 -2.83 -2.00
N THR A 313 -4.45 -2.19 -3.12
CA THR A 313 -3.94 -2.58 -4.43
C THR A 313 -2.68 -1.80 -4.76
N GLY A 314 -1.86 -2.37 -5.62
CA GLY A 314 -0.69 -1.65 -6.12
C GLY A 314 -0.39 -2.01 -7.57
N ALA A 315 0.10 -1.01 -8.29
CA ALA A 315 0.49 -1.19 -9.68
C ALA A 315 1.73 -0.36 -10.00
N THR A 316 2.58 -0.96 -10.82
CA THR A 316 3.56 -0.23 -11.60
C THR A 316 3.34 -0.63 -13.05
N GLY A 317 4.16 -0.14 -13.98
CA GLY A 317 3.95 -0.49 -15.37
C GLY A 317 3.94 -2.00 -15.60
N GLY A 318 4.78 -2.71 -14.87
CA GLY A 318 4.94 -4.14 -15.10
C GLY A 318 4.48 -5.06 -13.99
N PHE A 319 3.92 -4.53 -12.89
CA PHE A 319 3.58 -5.35 -11.75
C PHE A 319 2.20 -5.01 -11.21
N GLY A 320 1.56 -6.03 -10.63
CA GLY A 320 0.30 -5.86 -9.96
C GLY A 320 0.28 -6.61 -8.64
N SER A 321 -0.01 -5.90 -7.55
N SER A 321 -0.02 -5.89 -7.56
CA SER A 321 0.04 -6.45 -6.21
CA SER A 321 0.03 -6.42 -6.21
C SER A 321 -1.29 -6.23 -5.52
C SER A 321 -1.31 -6.24 -5.52
N TYR A 322 -1.58 -7.09 -4.54
CA TYR A 322 -2.75 -6.92 -3.71
C TYR A 322 -2.50 -7.57 -2.36
N VAL A 323 -2.94 -6.87 -1.31
N VAL A 323 -2.95 -6.88 -1.30
CA VAL A 323 -2.87 -7.37 0.07
CA VAL A 323 -2.87 -7.40 0.06
C VAL A 323 -4.24 -7.16 0.69
C VAL A 323 -4.19 -7.14 0.74
N ALA A 324 -4.73 -8.15 1.40
CA ALA A 324 -5.97 -8.02 2.14
C ALA A 324 -5.89 -8.88 3.38
N PHE A 325 -6.51 -8.41 4.46
CA PHE A 325 -6.51 -9.21 5.67
C PHE A 325 -7.69 -8.83 6.55
N ILE A 326 -8.03 -9.76 7.45
CA ILE A 326 -9.19 -9.63 8.33
C ILE A 326 -8.71 -9.91 9.75
N PRO A 327 -8.40 -8.90 10.55
CA PRO A 327 -7.78 -9.16 11.86
C PRO A 327 -8.57 -10.13 12.72
N GLU A 328 -9.90 -9.96 12.79
CA GLU A 328 -10.72 -10.81 13.65
C GLU A 328 -10.57 -12.28 13.32
N LYS A 329 -10.33 -12.61 12.04
CA LYS A 329 -10.28 -13.99 11.58
C LYS A 329 -8.87 -14.55 11.46
N GLU A 330 -7.84 -13.70 11.69
N GLU A 330 -7.83 -13.74 11.70
CA GLU A 330 -6.44 -14.09 11.58
CA GLU A 330 -6.46 -14.21 11.54
C GLU A 330 -6.15 -14.65 10.19
C GLU A 330 -6.13 -14.61 10.10
N LEU A 331 -6.59 -13.92 9.18
N LEU A 331 -6.92 -14.13 9.14
CA LEU A 331 -6.71 -14.44 7.82
CA LEU A 331 -6.81 -14.47 7.73
C LEU A 331 -6.31 -13.34 6.86
C LEU A 331 -6.18 -13.32 6.95
N GLY A 332 -5.42 -13.66 5.93
CA GLY A 332 -4.93 -12.66 5.01
C GLY A 332 -4.37 -13.29 3.75
N ILE A 333 -4.09 -12.44 2.78
CA ILE A 333 -3.51 -12.90 1.52
C ILE A 333 -2.63 -11.80 0.96
N VAL A 334 -1.53 -12.21 0.34
CA VAL A 334 -0.68 -11.36 -0.48
C VAL A 334 -0.60 -11.99 -1.86
N MET A 335 -0.83 -11.20 -2.90
CA MET A 335 -0.74 -11.66 -4.28
C MET A 335 0.21 -10.73 -5.00
N LEU A 336 1.38 -11.23 -5.42
CA LEU A 336 2.40 -10.44 -6.12
C LEU A 336 2.55 -11.02 -7.51
N ALA A 337 2.33 -10.20 -8.55
CA ALA A 337 2.49 -10.64 -9.92
C ALA A 337 3.35 -9.65 -10.70
N ASN A 338 4.08 -10.18 -11.68
CA ASN A 338 4.88 -9.34 -12.58
C ASN A 338 4.16 -9.06 -13.89
N LYS A 339 2.85 -8.80 -13.76
CA LYS A 339 2.07 -8.12 -14.78
C LYS A 339 1.04 -7.27 -14.06
N ASN A 340 0.79 -6.06 -14.59
CA ASN A 340 -0.26 -5.19 -14.05
C ASN A 340 -1.58 -5.58 -14.71
N TYR A 341 -2.32 -6.46 -14.06
CA TYR A 341 -3.59 -6.95 -14.55
C TYR A 341 -4.73 -6.36 -13.72
N PRO A 342 -5.96 -6.37 -14.23
CA PRO A 342 -7.01 -5.53 -13.63
C PRO A 342 -7.28 -5.83 -12.15
N ASN A 343 -7.41 -4.76 -11.38
CA ASN A 343 -7.67 -4.89 -9.95
C ASN A 343 -8.86 -5.78 -9.62
N PRO A 344 -10.01 -5.67 -10.29
CA PRO A 344 -11.15 -6.50 -9.87
C PRO A 344 -10.84 -7.99 -9.94
N ALA A 345 -10.00 -8.42 -10.89
CA ALA A 345 -9.63 -9.83 -10.95
C ALA A 345 -8.83 -10.24 -9.71
N ARG A 346 -7.97 -9.34 -9.22
CA ARG A 346 -7.19 -9.62 -8.02
C ARG A 346 -8.09 -9.78 -6.81
N VAL A 347 -9.00 -8.82 -6.63
CA VAL A 347 -9.83 -8.80 -5.43
C VAL A 347 -10.78 -9.97 -5.45
N ASP A 348 -11.32 -10.31 -6.61
N ASP A 348 -11.33 -10.30 -6.61
CA ASP A 348 -12.24 -11.44 -6.69
CA ASP A 348 -12.23 -11.44 -6.70
C ASP A 348 -11.53 -12.74 -6.29
C ASP A 348 -11.52 -12.72 -6.27
N ALA A 349 -10.29 -12.93 -6.74
CA ALA A 349 -9.55 -14.13 -6.37
C ALA A 349 -9.25 -14.14 -4.89
N ALA A 350 -8.85 -13.00 -4.33
CA ALA A 350 -8.57 -12.93 -2.90
C ALA A 350 -9.82 -13.25 -2.09
N TRP A 351 -10.97 -12.72 -2.48
N TRP A 351 -10.96 -12.67 -2.48
CA TRP A 351 -12.17 -12.98 -1.68
CA TRP A 351 -12.21 -12.95 -1.80
C TRP A 351 -12.65 -14.43 -1.83
C TRP A 351 -12.53 -14.43 -1.82
N GLN A 352 -12.46 -15.04 -3.02
CA GLN A 352 -12.79 -16.46 -3.14
C GLN A 352 -11.95 -17.30 -2.19
N ILE A 353 -10.66 -16.98 -2.07
CA ILE A 353 -9.79 -17.77 -1.19
C ILE A 353 -10.15 -17.52 0.27
N LEU A 354 -10.20 -16.26 0.68
CA LEU A 354 -10.44 -15.99 2.10
C LEU A 354 -11.84 -16.41 2.52
N ASN A 355 -12.84 -16.23 1.66
CA ASN A 355 -14.19 -16.68 2.00
C ASN A 355 -14.24 -18.18 2.18
N ALA A 356 -13.48 -18.93 1.38
CA ALA A 356 -13.48 -20.38 1.51
C ALA A 356 -12.83 -20.84 2.80
N LEU A 357 -12.00 -19.98 3.41
CA LEU A 357 -11.20 -20.37 4.57
C LEU A 357 -11.72 -19.82 5.88
N GLN A 358 -12.72 -18.96 5.89
N GLN A 358 -12.77 -19.01 5.89
CA GLN A 358 -13.16 -18.40 7.15
CA GLN A 358 -13.32 -18.54 7.16
C GLN A 358 -13.97 -19.43 7.95
C GLN A 358 -13.50 -19.74 8.06
B07 KJK B . -0.35 3.05 -7.02
C10 KJK B . -2.36 3.22 -8.26
C11 KJK B . -3.33 2.32 -8.54
C12 KJK B . -3.68 1.37 -7.40
C15 KJK B . -3.95 2.36 -9.78
C16 KJK B . -3.53 3.32 -10.71
C17 KJK B . -2.51 4.25 -10.42
C18 KJK B . -1.93 4.17 -9.16
C19 KJK B . -0.79 5.08 -8.63
C20 KJK B . 0.26 4.21 -7.93
C22 KJK B . 1.84 4.49 -9.97
C23 KJK B . 2.55 3.76 -11.15
C24 KJK B . 1.77 3.84 -12.48
C25 KJK B . 0.23 3.71 -12.27
C26 KJK B . -0.62 3.73 -13.56
C27 KJK B . -0.03 2.87 -14.69
C32 KJK B . 1.09 1.96 -14.11
C33 KJK B . 2.24 2.77 -13.47
N21 KJK B . 1.03 3.65 -9.08
O08 KJK B . 0.01 1.76 -7.45
O09 KJK B . -1.71 3.18 -6.97
O13 KJK B . -3.76 1.76 -6.20
O14 KJK B . -3.94 0.23 -7.65
O34 KJK B . 1.95 5.67 -9.78
O1 MES C . 5.92 -27.61 0.17
C2 MES C . 5.36 -26.47 0.81
C3 MES C . 5.25 -25.29 -0.15
N4 MES C . 6.52 -25.05 -0.84
C5 MES C . 6.99 -26.25 -1.50
C6 MES C . 7.17 -27.34 -0.46
C7 MES C . 6.42 -23.79 -1.62
C8 MES C . 7.42 -23.68 -2.80
S MES C . 7.68 -22.08 -3.23
O1S MES C . 8.03 -21.92 -4.66
O2S MES C . 6.51 -21.32 -2.78
O3S MES C . 8.85 -21.62 -2.46
C1 PEG D . 10.20 17.05 0.27
O1 PEG D . 11.32 16.28 -0.09
C2 PEG D . 10.57 18.52 0.42
O2 PEG D . 10.16 19.00 1.66
C3 PEG D . 10.72 20.22 2.05
C4 PEG D . 12.08 19.99 2.69
O4 PEG D . 13.04 20.75 2.03
C1 EDO E . -2.52 -30.02 8.02
O1 EDO E . -1.54 -29.03 8.30
C2 EDO E . -3.96 -29.53 8.17
O2 EDO E . -4.74 -30.49 8.89
C1 EDO F . 5.19 -17.31 11.43
O1 EDO F . 5.95 -17.32 10.21
C2 EDO F . 4.22 -18.48 11.50
O2 EDO F . 2.96 -18.07 12.07
C1 EDO G . 21.74 -12.74 -15.07
O1 EDO G . 22.72 -13.51 -15.79
C2 EDO G . 22.19 -12.39 -13.64
O2 EDO G . 21.03 -12.15 -12.83
B13 K9K H . -13.39 26.85 -5.29
C05 K9K H . -10.44 31.40 -1.65
C06 K9K H . -11.91 31.46 -2.11
C07 K9K H . -12.04 31.43 -3.63
C08 K9K H . -11.35 30.20 -4.19
C09 K9K H . -11.60 29.98 -5.67
C10 K9K H . -11.99 28.55 -5.67
C12 K9K H . -12.00 26.33 -5.77
C17 K9K H . -12.84 26.61 -3.00
C18 K9K H . -13.13 27.17 -1.76
C19 K9K H . -14.42 27.84 -1.43
C22 K9K H . -12.14 27.15 -0.77
C23 K9K H . -10.90 26.59 -1.04
C24 K9K H . -10.62 26.07 -2.29
C25 K9K H . -11.59 26.06 -3.29
C26 K9K H . -11.32 25.49 -4.66
C27 K9K H . -9.88 30.27 -3.84
C28 K9K H . -9.68 30.28 -2.33
N11 K9K H . -11.25 27.58 -5.99
O14 K9K H . -14.57 26.57 -6.14
O15 K9K H . -13.22 28.37 -5.27
O16 K9K H . -13.81 26.60 -3.94
O20 K9K H . -14.65 28.35 -0.33
O21 K9K H . -15.29 27.86 -2.43
N1 K9K H . -10.83 31.30 -0.23
C2 K9K H . -9.77 31.08 0.76
C3 K9K H . -9.17 29.64 0.77
N2 K9K H . -8.28 29.40 1.92
ZN ZN I . -7.05 -27.35 -11.98
ZN ZN J . -2.53 -23.75 -16.05
CL CL K . -8.90 -27.88 -10.90
CL CL L . 6.17 2.23 -13.80
CL CL M . 16.03 0.69 0.97
NA NA N . 13.39 8.05 -5.07
#